data_6K9T
#
_entry.id   6K9T
#
_cell.length_a   133.219
_cell.length_b   60.416
_cell.length_c   56.039
_cell.angle_alpha   90.000
_cell.angle_beta   111.980
_cell.angle_gamma   90.000
#
_symmetry.space_group_name_H-M   'C 1 2 1'
#
loop_
_entity.id
_entity.type
_entity.pdbx_description
1 polymer Beta-lactamase
2 non-polymer "CEFOTAXIME, C3' cleaved, open, bound form"
3 water water
#
_entity_poly.entity_id   1
_entity_poly.type   'polypeptide(L)'
_entity_poly.pdbx_seq_one_letter_code
;MHHHHHHANIDESKIKDTVDDLIQPLMQKNNIPGMSVAVTVNGKNYIYNYGLAAKQPQQPVTENTLFEVGSLSKTFAATL
ASYAQVSGKLSLDQSVSHYVPELRGSSFDHVSVLNVGTHTSGLQLFMPEDIKNTTQLMAYLKAWKPADAAGTHRVYSNIG
TGLLGMIAAKSLGVSYEDAIEKTLLPQLGMHHSYLKVPADQMENYAWGYNKKDEPVHVNMEILGNEAYGIKTTSSDLLRY
VQANMGQLKLDANAKMQQALTATHTGYFKSGEITQDLMWEQLPYPVSLPNLLTGNDMAMTKSVATPIVPPLPPQENVWIN
KTGSTNGFGAYIAFVPAKKMGIVMLANKNYSIDQRVTVAYKILSSLEGNK
;
_entity_poly.pdbx_strand_id   A
#
loop_
_chem_comp.id
_chem_comp.type
_chem_comp.name
_chem_comp.formula
CEF non-polymer 'CEFOTAXIME, C3' cleaved, open, bound form' 'C14 H15 N5 O5 S2'
#
# COMPACT_ATOMS: atom_id res chain seq x y z
N HIS A 7 -18.29 0.81 29.18
CA HIS A 7 -18.43 -0.38 30.01
C HIS A 7 -17.13 -0.77 30.76
N ALA A 8 -17.30 -1.19 32.02
CA ALA A 8 -16.20 -1.61 32.90
C ALA A 8 -15.72 -3.02 32.59
N ASN A 9 -14.41 -3.23 32.73
CA ASN A 9 -13.76 -4.52 32.57
C ASN A 9 -13.94 -5.11 31.15
N ILE A 10 -14.12 -4.28 30.13
CA ILE A 10 -14.07 -4.80 28.78
C ILE A 10 -13.05 -4.01 27.94
N ASP A 11 -12.18 -4.74 27.25
CA ASP A 11 -11.09 -4.12 26.47
C ASP A 11 -11.62 -3.26 25.31
N GLU A 12 -12.76 -3.60 24.73
CA GLU A 12 -13.40 -2.74 23.71
C GLU A 12 -13.56 -1.26 24.13
N SER A 13 -14.07 -1.00 25.33
CA SER A 13 -14.28 0.39 25.76
C SER A 13 -12.92 1.10 25.91
N LYS A 14 -11.94 0.35 26.39
CA LYS A 14 -10.61 0.91 26.55
C LYS A 14 -9.99 1.22 25.19
N ILE A 15 -10.21 0.35 24.20
CA ILE A 15 -9.61 0.61 22.87
C ILE A 15 -10.31 1.82 22.25
N LYS A 16 -11.65 1.88 22.39
CA LYS A 16 -12.38 3.04 21.83
C LYS A 16 -11.90 4.33 22.46
N ASP A 17 -11.66 4.33 23.77
CA ASP A 17 -11.16 5.52 24.44
C ASP A 17 -9.80 5.94 23.90
N THR A 18 -8.88 4.99 23.76
CA THR A 18 -7.57 5.30 23.22
C THR A 18 -7.68 5.94 21.85
N VAL A 19 -8.47 5.30 20.99
CA VAL A 19 -8.54 5.75 19.60
C VAL A 19 -9.22 7.12 19.52
N ASP A 20 -10.35 7.28 20.22
CA ASP A 20 -11.07 8.58 20.23
C ASP A 20 -10.14 9.72 20.70
N ASP A 21 -9.37 9.44 21.76
CA ASP A 21 -8.60 10.51 22.38
C ASP A 21 -7.45 10.98 21.47
N LEU A 22 -7.02 10.10 20.55
CA LEU A 22 -5.99 10.52 19.59
C LEU A 22 -6.58 11.07 18.30
N ILE A 23 -7.66 10.48 17.83
CA ILE A 23 -8.17 10.81 16.50
C ILE A 23 -8.93 12.13 16.56
N GLN A 24 -9.70 12.40 17.64
CA GLN A 24 -10.48 13.69 17.65
C GLN A 24 -9.57 14.95 17.60
N PRO A 25 -8.51 15.00 18.39
CA PRO A 25 -7.64 16.19 18.28
C PRO A 25 -6.91 16.20 16.94
N LEU A 26 -6.50 15.05 16.41
CA LEU A 26 -5.87 14.97 15.08
C LEU A 26 -6.74 15.58 13.98
N MET A 27 -8.02 15.20 14.00
CA MET A 27 -8.93 15.71 13.01
C MET A 27 -9.18 17.21 13.18
N GLN A 28 -9.30 17.67 14.44
CA GLN A 28 -9.48 19.08 14.70
C GLN A 28 -8.29 19.88 14.18
N LYS A 29 -7.07 19.52 14.54
CA LYS A 29 -6.00 20.46 14.24
C LYS A 29 -5.61 20.38 12.75
N ASN A 30 -5.90 19.26 12.07
CA ASN A 30 -5.55 19.15 10.64
C ASN A 30 -6.77 19.45 9.73
N ASN A 31 -7.90 19.80 10.32
CA ASN A 31 -9.12 20.03 9.59
C ASN A 31 -9.48 18.88 8.65
N ILE A 32 -9.42 17.67 9.21
CA ILE A 32 -9.76 16.46 8.48
C ILE A 32 -11.27 16.22 8.59
N PRO A 33 -12.00 16.19 7.45
CA PRO A 33 -13.45 16.02 7.62
C PRO A 33 -13.91 14.69 8.15
N GLY A 34 -13.28 13.58 7.73
CA GLY A 34 -13.76 12.30 8.10
C GLY A 34 -12.62 11.27 8.12
N MET A 35 -12.78 10.31 9.02
CA MET A 35 -11.80 9.23 9.17
C MET A 35 -12.45 7.96 9.53
N SER A 36 -11.81 6.84 9.17
CA SER A 36 -12.18 5.56 9.73
C SER A 36 -10.93 4.90 10.22
N VAL A 37 -10.96 4.33 11.40
CA VAL A 37 -9.83 3.61 11.99
C VAL A 37 -10.27 2.22 12.31
N ALA A 38 -9.53 1.23 11.85
CA ALA A 38 -9.84 -0.18 12.11
C ALA A 38 -8.68 -0.80 12.82
N VAL A 39 -8.95 -1.50 13.92
CA VAL A 39 -7.93 -2.19 14.71
C VAL A 39 -8.26 -3.64 14.86
N THR A 40 -7.26 -4.49 14.77
CA THR A 40 -7.44 -5.89 15.12
C THR A 40 -6.43 -6.26 16.20
N VAL A 41 -6.92 -6.97 17.22
CA VAL A 41 -6.09 -7.56 18.28
C VAL A 41 -6.86 -8.69 18.94
N ASN A 42 -6.14 -9.72 19.38
CA ASN A 42 -6.77 -10.91 20.02
C ASN A 42 -7.86 -11.54 19.15
N GLY A 43 -7.67 -11.52 17.84
CA GLY A 43 -8.66 -12.08 16.92
C GLY A 43 -9.95 -11.31 16.77
N LYS A 44 -10.01 -10.10 17.33
CA LYS A 44 -11.24 -9.30 17.34
C LYS A 44 -10.99 -8.03 16.56
N ASN A 45 -12.05 -7.53 15.94
CA ASN A 45 -11.96 -6.40 15.05
C ASN A 45 -12.80 -5.26 15.59
N TYR A 46 -12.30 -4.04 15.46
CA TYR A 46 -12.94 -2.87 15.98
C TYR A 46 -12.86 -1.80 14.93
N ILE A 47 -13.96 -1.20 14.58
CA ILE A 47 -13.99 -0.19 13.54
C ILE A 47 -14.60 1.06 14.13
N TYR A 48 -13.93 2.20 13.98
CA TYR A 48 -14.41 3.48 14.51
C TYR A 48 -14.49 4.49 13.41
N ASN A 49 -15.65 5.15 13.25
CA ASN A 49 -15.89 6.10 12.19
C ASN A 49 -16.07 7.47 12.77
N TYR A 50 -15.51 8.48 12.11
CA TYR A 50 -15.55 9.85 12.60
C TYR A 50 -15.92 10.82 11.51
N GLY A 51 -16.82 11.75 11.79
CA GLY A 51 -17.00 12.85 10.87
C GLY A 51 -17.67 12.55 9.54
N LEU A 52 -17.25 13.27 8.52
CA LEU A 52 -17.99 13.40 7.25
C LEU A 52 -17.22 12.85 6.09
N ALA A 53 -17.92 12.03 5.30
CA ALA A 53 -17.42 11.55 4.04
C ALA A 53 -17.55 12.63 2.97
N ALA A 54 -18.56 13.51 3.11
CA ALA A 54 -18.69 14.63 2.20
C ALA A 54 -19.30 15.79 3.00
N LYS A 55 -18.94 17.00 2.61
CA LYS A 55 -19.46 18.18 3.31
C LYS A 55 -20.79 18.70 2.81
N GLN A 56 -21.05 18.57 1.50
CA GLN A 56 -22.22 19.24 0.90
C GLN A 56 -22.72 18.54 -0.36
N PRO A 57 -23.88 17.84 -0.29
CA PRO A 57 -24.73 17.49 0.85
C PRO A 57 -23.94 16.66 1.86
N GLN A 58 -24.09 16.95 3.14
CA GLN A 58 -23.20 16.30 4.06
C GLN A 58 -23.62 14.83 4.22
N GLN A 59 -22.61 13.96 4.33
CA GLN A 59 -22.80 12.52 4.50
C GLN A 59 -21.81 12.03 5.52
N PRO A 60 -22.24 11.27 6.51
CA PRO A 60 -21.32 10.80 7.55
C PRO A 60 -20.45 9.65 7.03
N VAL A 61 -19.29 9.48 7.63
CA VAL A 61 -18.53 8.26 7.44
C VAL A 61 -19.30 7.14 8.08
N THR A 62 -19.47 6.04 7.35
CA THR A 62 -20.19 4.84 7.82
C THR A 62 -19.31 3.61 7.57
N GLU A 63 -19.81 2.43 7.92
CA GLU A 63 -19.09 1.19 7.66
C GLU A 63 -18.84 0.96 6.17
N ASN A 64 -19.67 1.59 5.33
CA ASN A 64 -19.60 1.37 3.90
C ASN A 64 -18.77 2.37 3.17
N THR A 65 -18.25 3.39 3.87
CA THR A 65 -17.55 4.46 3.20
C THR A 65 -16.25 4.00 2.53
N LEU A 66 -16.11 4.36 1.26
CA LEU A 66 -14.91 4.07 0.47
C LEU A 66 -14.00 5.28 0.47
N PHE A 67 -12.71 5.02 0.76
CA PHE A 67 -11.66 6.03 0.71
C PHE A 67 -10.65 5.66 -0.36
N GLU A 68 -10.03 6.66 -0.96
CA GLU A 68 -8.83 6.40 -1.78
C GLU A 68 -7.67 6.01 -0.90
N VAL A 69 -6.93 4.96 -1.20
CA VAL A 69 -5.81 4.62 -0.34
C VAL A 69 -4.49 4.89 -1.01
N GLY A 70 -4.47 5.46 -2.19
CA GLY A 70 -3.21 5.86 -2.82
C GLY A 70 -2.22 4.73 -2.85
N SER A 71 -1.01 5.01 -2.38
CA SER A 71 0.08 4.07 -2.52
C SER A 71 -0.05 2.77 -1.76
N LEU A 72 -1.09 2.64 -0.93
CA LEU A 72 -1.34 1.27 -0.40
C LEU A 72 -1.64 0.31 -1.55
N SER A 73 -2.10 0.88 -2.69
CA SER A 73 -2.35 0.10 -3.90
C SER A 73 -1.11 -0.68 -4.35
N LYS A 74 0.10 -0.20 -4.04
CA LYS A 74 1.33 -0.89 -4.46
C LYS A 74 1.39 -2.29 -3.86
N THR A 75 0.89 -2.46 -2.64
CA THR A 75 0.98 -3.78 -2.05
C THR A 75 0.10 -4.78 -2.75
N PHE A 76 -0.95 -4.32 -3.44
CA PHE A 76 -1.75 -5.28 -4.20
C PHE A 76 -1.05 -5.72 -5.47
N ALA A 77 -0.27 -4.80 -6.07
CA ALA A 77 0.57 -5.17 -7.23
C ALA A 77 1.61 -6.20 -6.75
N ALA A 78 2.16 -6.00 -5.55
CA ALA A 78 3.13 -6.95 -5.03
C ALA A 78 2.47 -8.29 -4.74
N THR A 79 1.27 -8.28 -4.17
CA THR A 79 0.62 -9.53 -3.87
C THR A 79 0.33 -10.28 -5.20
N LEU A 80 -0.05 -9.54 -6.25
CA LEU A 80 -0.29 -10.19 -7.53
C LEU A 80 1.00 -10.79 -8.05
N ALA A 81 2.14 -10.06 -7.98
CA ALA A 81 3.36 -10.63 -8.47
C ALA A 81 3.76 -11.86 -7.67
N SER A 82 3.57 -11.83 -6.35
CA SER A 82 3.89 -12.97 -5.53
C SER A 82 2.98 -14.16 -5.89
N TYR A 83 1.70 -13.87 -6.16
CA TYR A 83 0.81 -14.92 -6.59
C TYR A 83 1.32 -15.54 -7.91
N ALA A 84 1.74 -14.69 -8.85
CA ALA A 84 2.28 -15.23 -10.11
C ALA A 84 3.53 -16.05 -9.84
N GLN A 85 4.34 -15.65 -8.89
CA GLN A 85 5.56 -16.38 -8.59
C GLN A 85 5.21 -17.74 -7.99
N VAL A 86 4.24 -17.80 -7.07
CA VAL A 86 4.13 -19.07 -6.34
C VAL A 86 3.36 -20.02 -7.27
N SER A 87 2.72 -19.44 -8.28
CA SER A 87 2.00 -20.22 -9.33
C SER A 87 2.92 -20.69 -10.43
N GLY A 88 4.19 -20.36 -10.34
CA GLY A 88 5.19 -20.80 -11.33
C GLY A 88 5.17 -20.01 -12.63
N LYS A 89 4.58 -18.82 -12.64
CA LYS A 89 4.42 -18.07 -13.86
C LYS A 89 5.42 -16.91 -14.00
N LEU A 90 6.12 -16.62 -12.92
CA LEU A 90 6.93 -15.42 -12.83
C LEU A 90 8.15 -15.75 -12.00
N SER A 91 9.33 -15.39 -12.47
CA SER A 91 10.53 -15.47 -11.69
C SER A 91 11.04 -14.05 -11.39
N LEU A 92 11.16 -13.72 -10.12
CA LEU A 92 11.55 -12.35 -9.77
C LEU A 92 12.97 -11.99 -10.16
N ASP A 93 13.85 -12.99 -10.31
CA ASP A 93 15.22 -12.67 -10.70
C ASP A 93 15.40 -12.42 -12.18
N GLN A 94 14.43 -12.76 -13.00
CA GLN A 94 14.56 -12.52 -14.44
C GLN A 94 14.48 -11.03 -14.77
N SER A 95 14.99 -10.63 -15.91
CA SER A 95 14.97 -9.24 -16.32
C SER A 95 13.57 -8.78 -16.70
N VAL A 96 13.35 -7.47 -16.59
CA VAL A 96 12.13 -6.93 -17.13
C VAL A 96 11.96 -7.17 -18.62
N SER A 97 13.06 -7.09 -19.36
CA SER A 97 12.90 -7.29 -20.81
C SER A 97 12.62 -8.74 -21.16
N HIS A 98 12.99 -9.69 -20.31
CA HIS A 98 12.56 -11.04 -20.53
C HIS A 98 11.02 -11.13 -20.66
N TYR A 99 10.29 -10.36 -19.85
CA TYR A 99 8.85 -10.42 -19.85
C TYR A 99 8.20 -9.38 -20.75
N VAL A 100 8.94 -8.32 -21.09
CA VAL A 100 8.43 -7.24 -21.92
C VAL A 100 9.34 -7.14 -23.14
N PRO A 101 9.10 -7.97 -24.18
CA PRO A 101 10.09 -8.06 -25.28
C PRO A 101 10.28 -6.75 -26.08
N GLU A 102 9.34 -5.83 -26.05
CA GLU A 102 9.54 -4.49 -26.61
C GLU A 102 10.77 -3.76 -26.00
N LEU A 103 11.12 -4.13 -24.78
CA LEU A 103 12.25 -3.49 -24.10
C LEU A 103 13.57 -4.26 -24.23
N ARG A 104 13.61 -5.34 -25.02
CA ARG A 104 14.87 -6.06 -25.18
C ARG A 104 15.88 -5.15 -25.90
N GLY A 105 17.10 -5.17 -25.42
CA GLY A 105 18.13 -4.28 -25.92
C GLY A 105 18.27 -2.96 -25.21
N SER A 106 17.33 -2.64 -24.30
CA SER A 106 17.35 -1.40 -23.56
C SER A 106 18.01 -1.59 -22.19
N SER A 107 17.93 -0.56 -21.37
CA SER A 107 18.44 -0.64 -20.00
C SER A 107 17.72 -1.74 -19.21
N PHE A 108 16.51 -2.14 -19.62
CA PHE A 108 15.76 -3.12 -18.87
C PHE A 108 16.26 -4.55 -19.09
N ASP A 109 17.29 -4.71 -19.93
CA ASP A 109 18.00 -5.97 -19.97
C ASP A 109 18.74 -6.20 -18.67
N HIS A 110 18.99 -5.12 -17.90
CA HIS A 110 19.79 -5.25 -16.68
C HIS A 110 19.04 -4.87 -15.42
N VAL A 111 17.71 -4.79 -15.56
CA VAL A 111 16.82 -4.52 -14.42
C VAL A 111 16.01 -5.72 -14.14
N SER A 112 16.04 -6.26 -12.92
CA SER A 112 15.20 -7.46 -12.64
C SER A 112 13.75 -7.06 -12.25
N VAL A 113 12.87 -8.05 -12.32
CA VAL A 113 11.54 -7.83 -11.79
C VAL A 113 11.62 -7.53 -10.30
N LEU A 114 12.53 -8.20 -9.59
CA LEU A 114 12.74 -7.86 -8.19
C LEU A 114 13.11 -6.40 -8.01
N ASN A 115 13.93 -5.86 -8.91
CA ASN A 115 14.28 -4.46 -8.75
C ASN A 115 13.03 -3.56 -8.81
N VAL A 116 12.15 -3.75 -9.78
CA VAL A 116 10.98 -2.87 -9.83
C VAL A 116 10.06 -3.20 -8.65
N GLY A 117 10.11 -4.41 -8.08
CA GLY A 117 9.28 -4.68 -6.89
C GLY A 117 9.82 -4.23 -5.56
N THR A 118 11.03 -3.66 -5.58
CA THR A 118 11.70 -3.22 -4.34
C THR A 118 12.22 -1.77 -4.48
N HIS A 119 11.79 -1.04 -5.53
CA HIS A 119 12.25 0.34 -5.76
C HIS A 119 13.75 0.44 -5.95
N THR A 120 14.36 -0.57 -6.57
CA THR A 120 15.80 -0.49 -6.76
C THR A 120 16.11 -0.48 -8.24
N SER A 121 15.18 -0.18 -9.12
CA SER A 121 15.56 -0.01 -10.54
C SER A 121 16.24 1.30 -10.85
N GLY A 122 15.90 2.33 -10.08
CA GLY A 122 16.37 3.69 -10.41
C GLY A 122 15.38 4.52 -11.22
N LEU A 123 14.25 3.97 -11.62
CA LEU A 123 13.17 4.77 -12.22
C LEU A 123 12.72 5.84 -11.23
N GLN A 124 12.33 6.99 -11.77
CA GLN A 124 12.00 8.16 -10.94
C GLN A 124 10.66 7.99 -10.25
N LEU A 125 10.39 8.85 -9.30
CA LEU A 125 9.13 8.76 -8.56
C LEU A 125 7.86 8.83 -9.39
N PHE A 126 7.72 9.88 -10.20
CA PHE A 126 6.48 10.16 -10.92
C PHE A 126 6.57 9.89 -12.39
N MET A 127 5.50 9.32 -12.92
CA MET A 127 5.31 9.19 -14.35
C MET A 127 5.41 10.56 -14.99
N PRO A 128 6.17 10.68 -16.10
CA PRO A 128 6.20 11.97 -16.82
C PRO A 128 4.78 12.37 -17.21
N GLU A 129 4.41 13.64 -17.01
CA GLU A 129 3.03 14.10 -17.21
C GLU A 129 2.50 13.89 -18.63
N ASP A 130 3.38 13.96 -19.62
CA ASP A 130 2.93 13.89 -21.01
C ASP A 130 2.75 12.47 -21.51
N ILE A 131 3.09 11.45 -20.70
CA ILE A 131 2.86 10.09 -21.16
C ILE A 131 1.40 9.73 -20.92
N LYS A 132 0.67 9.50 -22.01
CA LYS A 132 -0.77 9.28 -21.96
C LYS A 132 -1.19 7.87 -22.36
N ASN A 133 -0.36 7.20 -23.15
CA ASN A 133 -0.71 5.94 -23.74
C ASN A 133 0.48 5.00 -23.78
N THR A 134 0.22 3.77 -24.20
CA THR A 134 1.21 2.70 -24.15
C THR A 134 2.39 3.01 -25.06
N THR A 135 2.10 3.62 -26.19
CA THR A 135 3.15 3.93 -27.16
C THR A 135 4.18 4.91 -26.60
N GLN A 136 3.68 5.98 -25.98
CA GLN A 136 4.54 6.94 -25.31
C GLN A 136 5.30 6.32 -24.14
N LEU A 137 4.62 5.46 -23.36
CA LEU A 137 5.26 4.79 -22.25
C LEU A 137 6.45 3.95 -22.71
N MET A 138 6.24 3.19 -23.77
CA MET A 138 7.30 2.28 -24.21
C MET A 138 8.45 3.07 -24.79
N ALA A 139 8.13 4.18 -25.47
CA ALA A 139 9.19 5.01 -26.01
C ALA A 139 10.08 5.56 -24.89
N TYR A 140 9.44 6.01 -23.81
CA TYR A 140 10.17 6.51 -22.66
C TYR A 140 11.03 5.41 -22.04
N LEU A 141 10.43 4.27 -21.80
CA LEU A 141 11.18 3.17 -21.17
C LEU A 141 12.35 2.69 -22.05
N LYS A 142 12.17 2.63 -23.36
CA LYS A 142 13.29 2.20 -24.26
C LYS A 142 14.43 3.22 -24.29
N ALA A 143 14.12 4.49 -24.05
CA ALA A 143 15.14 5.54 -24.04
C ALA A 143 15.83 5.76 -22.66
N TRP A 144 15.27 5.16 -21.63
CA TRP A 144 15.65 5.43 -20.24
C TRP A 144 16.98 4.79 -19.82
N LYS A 145 17.72 5.51 -19.00
CA LYS A 145 18.94 4.93 -18.42
C LYS A 145 19.02 5.37 -16.98
N PRO A 146 19.30 4.44 -16.04
CA PRO A 146 19.41 4.86 -14.65
C PRO A 146 20.71 5.62 -14.38
N ALA A 147 20.70 6.45 -13.36
CA ALA A 147 21.91 7.14 -12.94
C ALA A 147 22.93 6.24 -12.27
N ASP A 148 22.48 5.19 -11.62
CA ASP A 148 23.31 4.19 -10.97
C ASP A 148 22.87 2.85 -11.47
N ALA A 149 23.71 1.86 -11.28
CA ALA A 149 23.32 0.52 -11.74
C ALA A 149 22.08 0.05 -10.94
N ALA A 150 21.19 -0.66 -11.62
CA ALA A 150 20.01 -1.21 -10.94
C ALA A 150 20.48 -2.11 -9.80
N GLY A 151 19.86 -1.99 -8.62
CA GLY A 151 20.27 -2.80 -7.49
C GLY A 151 21.19 -2.14 -6.47
N THR A 152 21.57 -0.88 -6.73
CA THR A 152 22.54 -0.21 -5.84
C THR A 152 21.87 0.82 -4.94
N HIS A 153 20.74 1.39 -5.40
CA HIS A 153 20.07 2.47 -4.68
C HIS A 153 18.58 2.26 -4.64
N ARG A 154 17.95 2.83 -3.63
CA ARG A 154 16.50 2.77 -3.50
C ARG A 154 15.96 4.14 -3.89
N VAL A 155 15.06 4.14 -4.88
CA VAL A 155 14.31 5.32 -5.28
C VAL A 155 12.84 4.88 -5.37
N TYR A 156 12.03 5.33 -4.43
CA TYR A 156 10.61 4.95 -4.48
C TYR A 156 10.02 5.37 -5.80
N SER A 157 9.27 4.46 -6.49
CA SER A 157 8.83 4.75 -7.84
C SER A 157 7.43 4.26 -8.15
N ASN A 158 6.56 5.18 -8.60
CA ASN A 158 5.27 4.76 -9.15
C ASN A 158 5.43 4.04 -10.48
N ILE A 159 6.46 4.38 -11.26
CA ILE A 159 6.66 3.81 -12.58
C ILE A 159 7.11 2.36 -12.40
N GLY A 160 8.07 2.12 -11.50
CA GLY A 160 8.51 0.74 -11.27
C GLY A 160 7.37 -0.14 -10.76
N THR A 161 6.55 0.42 -9.89
CA THR A 161 5.40 -0.35 -9.41
C THR A 161 4.46 -0.70 -10.53
N GLY A 162 4.26 0.25 -11.45
CA GLY A 162 3.42 0.03 -12.59
C GLY A 162 3.92 -1.14 -13.42
N LEU A 163 5.22 -1.21 -13.61
CA LEU A 163 5.79 -2.34 -14.36
C LEU A 163 5.63 -3.65 -13.63
N LEU A 164 5.84 -3.66 -12.31
CA LEU A 164 5.63 -4.88 -11.51
C LEU A 164 4.22 -5.42 -11.75
N GLY A 165 3.22 -4.54 -11.63
CA GLY A 165 1.84 -5.03 -11.79
C GLY A 165 1.54 -5.46 -13.21
N MET A 166 2.03 -4.72 -14.19
CA MET A 166 1.80 -5.04 -15.60
C MET A 166 2.39 -6.42 -15.91
N ILE A 167 3.63 -6.66 -15.47
CA ILE A 167 4.30 -7.93 -15.73
C ILE A 167 3.61 -9.09 -15.03
N ALA A 168 3.22 -8.89 -13.77
CA ALA A 168 2.51 -9.94 -13.07
C ALA A 168 1.20 -10.30 -13.78
N ALA A 169 0.43 -9.29 -14.16
CA ALA A 169 -0.86 -9.57 -14.82
C ALA A 169 -0.66 -10.34 -16.14
N LYS A 170 0.31 -9.91 -16.92
CA LYS A 170 0.56 -10.55 -18.21
C LYS A 170 0.98 -12.00 -18.00
N SER A 171 1.73 -12.25 -16.94
CA SER A 171 2.20 -13.62 -16.69
C SER A 171 1.05 -14.54 -16.33
N LEU A 172 -0.02 -13.95 -15.82
CA LEU A 172 -1.24 -14.68 -15.50
C LEU A 172 -2.27 -14.67 -16.66
N GLY A 173 -1.95 -13.98 -17.75
CA GLY A 173 -2.74 -13.95 -18.97
C GLY A 173 -3.97 -13.09 -18.90
N VAL A 174 -3.96 -12.06 -18.06
CA VAL A 174 -5.10 -11.17 -17.94
C VAL A 174 -4.63 -9.72 -17.81
N SER A 175 -5.52 -8.77 -17.97
CA SER A 175 -5.17 -7.39 -17.68
C SER A 175 -5.01 -7.21 -16.17
N TYR A 176 -4.34 -6.11 -15.82
CA TYR A 176 -4.15 -5.83 -14.38
C TYR A 176 -5.49 -5.61 -13.69
N GLU A 177 -6.39 -4.90 -14.37
CA GLU A 177 -7.69 -4.59 -13.79
C GLU A 177 -8.49 -5.88 -13.54
N ASP A 178 -8.47 -6.80 -14.50
CA ASP A 178 -9.09 -8.09 -14.27
C ASP A 178 -8.41 -8.94 -13.23
N ALA A 179 -7.07 -8.94 -13.21
CA ALA A 179 -6.38 -9.67 -12.21
C ALA A 179 -6.80 -9.23 -10.80
N ILE A 180 -6.93 -7.90 -10.61
CA ILE A 180 -7.28 -7.40 -9.29
C ILE A 180 -8.76 -7.55 -8.91
N GLU A 181 -9.62 -7.12 -9.83
CA GLU A 181 -11.04 -7.09 -9.51
C GLU A 181 -11.73 -8.46 -9.71
N LYS A 182 -11.26 -9.31 -10.62
CA LYS A 182 -11.89 -10.63 -10.84
C LYS A 182 -11.14 -11.74 -10.13
N THR A 183 -9.87 -11.58 -9.79
CA THR A 183 -9.15 -12.69 -9.14
C THR A 183 -8.70 -12.35 -7.72
N LEU A 184 -7.90 -11.31 -7.53
CA LEU A 184 -7.27 -11.13 -6.23
C LEU A 184 -8.23 -10.67 -5.12
N LEU A 185 -8.91 -9.55 -5.34
CA LEU A 185 -9.82 -9.05 -4.32
C LEU A 185 -10.95 -10.06 -3.99
N PRO A 186 -11.55 -10.73 -5.00
CA PRO A 186 -12.56 -11.73 -4.61
C PRO A 186 -11.99 -12.87 -3.78
N GLN A 187 -10.79 -13.34 -4.10
CA GLN A 187 -10.20 -14.47 -3.35
C GLN A 187 -9.88 -14.06 -1.92
N LEU A 188 -9.55 -12.76 -1.74
CA LEU A 188 -9.31 -12.26 -0.38
C LEU A 188 -10.57 -11.88 0.38
N GLY A 189 -11.73 -12.01 -0.30
CA GLY A 189 -13.00 -11.69 0.32
C GLY A 189 -13.21 -10.19 0.54
N MET A 190 -12.57 -9.40 -0.31
CA MET A 190 -12.66 -7.95 -0.22
C MET A 190 -13.63 -7.43 -1.27
N HIS A 191 -14.90 -7.49 -0.91
CA HIS A 191 -15.98 -7.27 -1.85
C HIS A 191 -16.34 -5.80 -2.01
N HIS A 192 -15.83 -4.94 -1.12
CA HIS A 192 -16.04 -3.48 -1.19
C HIS A 192 -14.72 -2.80 -1.41
N SER A 193 -13.94 -3.35 -2.32
CA SER A 193 -12.66 -2.77 -2.74
C SER A 193 -12.67 -2.75 -4.25
N TYR A 194 -12.25 -1.63 -4.83
CA TYR A 194 -12.39 -1.45 -6.29
C TYR A 194 -11.26 -0.67 -6.88
N LEU A 195 -11.00 -0.88 -8.17
CA LEU A 195 -10.22 0.08 -8.93
C LEU A 195 -11.15 1.08 -9.62
N LYS A 196 -12.36 0.61 -9.98
CA LYS A 196 -13.42 1.43 -10.57
C LYS A 196 -14.68 1.26 -9.72
N VAL A 197 -15.10 2.32 -9.04
CA VAL A 197 -16.25 2.23 -8.13
C VAL A 197 -17.54 2.12 -8.97
N PRO A 198 -18.33 1.06 -8.72
CA PRO A 198 -19.58 0.86 -9.48
C PRO A 198 -20.68 1.79 -9.04
N ALA A 199 -21.72 1.88 -9.86
CA ALA A 199 -22.70 2.93 -9.71
C ALA A 199 -23.45 2.81 -8.36
N ASP A 200 -23.69 1.58 -7.89
CA ASP A 200 -24.41 1.39 -6.63
C ASP A 200 -23.55 1.73 -5.39
N GLN A 201 -22.25 1.99 -5.61
CA GLN A 201 -21.37 2.35 -4.48
C GLN A 201 -20.92 3.80 -4.57
N MET A 202 -21.30 4.54 -5.61
CA MET A 202 -20.87 5.91 -5.71
C MET A 202 -21.36 6.72 -4.50
N GLU A 203 -22.53 6.40 -3.94
CA GLU A 203 -23.04 7.15 -2.78
C GLU A 203 -22.17 6.97 -1.55
N ASN A 204 -21.33 5.92 -1.55
CA ASN A 204 -20.43 5.57 -0.44
C ASN A 204 -19.01 6.09 -0.69
N TYR A 205 -18.70 6.70 -1.81
CA TYR A 205 -17.34 7.05 -2.15
C TYR A 205 -17.13 8.44 -1.57
N ALA A 206 -16.38 8.51 -0.48
CA ALA A 206 -16.04 9.80 0.12
C ALA A 206 -15.43 10.77 -0.82
N TRP A 207 -15.66 12.07 -0.63
CA TRP A 207 -14.88 13.10 -1.34
C TRP A 207 -13.58 13.34 -0.57
N GLY A 208 -12.48 13.50 -1.31
CA GLY A 208 -11.27 14.00 -0.70
C GLY A 208 -11.27 15.50 -0.63
N TYR A 209 -10.52 16.07 0.29
CA TYR A 209 -10.43 17.53 0.41
C TYR A 209 -9.00 17.93 0.28
N ASN A 210 -8.71 18.71 -0.76
CA ASN A 210 -7.34 19.07 -1.09
C ASN A 210 -6.84 20.22 -0.24
N LYS A 211 -5.67 20.76 -0.60
CA LYS A 211 -5.04 21.80 0.20
C LYS A 211 -5.86 23.10 0.14
N LYS A 212 -6.79 23.21 -0.80
CA LYS A 212 -7.69 24.37 -0.83
C LYS A 212 -9.06 24.05 -0.24
N ASP A 213 -9.17 22.88 0.39
CA ASP A 213 -10.44 22.32 0.89
C ASP A 213 -11.55 22.15 -0.19
N GLU A 214 -11.14 21.87 -1.43
CA GLU A 214 -12.08 21.53 -2.50
C GLU A 214 -12.27 20.05 -2.56
N PRO A 215 -13.48 19.57 -2.86
CA PRO A 215 -13.76 18.13 -3.01
C PRO A 215 -13.17 17.60 -4.30
N VAL A 216 -12.42 16.50 -4.15
CA VAL A 216 -11.69 15.92 -5.28
C VAL A 216 -11.67 14.41 -5.21
N HIS A 217 -11.63 13.78 -6.39
CA HIS A 217 -11.36 12.36 -6.57
C HIS A 217 -10.16 12.16 -7.46
N VAL A 218 -9.43 11.04 -7.25
CA VAL A 218 -8.21 10.82 -8.01
C VAL A 218 -8.50 10.64 -9.50
N ASN A 219 -7.60 11.23 -10.28
CA ASN A 219 -7.62 11.09 -11.73
C ASN A 219 -6.73 9.91 -12.12
N MET A 220 -7.35 8.86 -12.63
CA MET A 220 -6.60 7.66 -13.03
C MET A 220 -5.91 7.77 -14.38
N GLU A 221 -4.58 7.81 -14.35
CA GLU A 221 -3.77 7.90 -15.57
C GLU A 221 -3.01 6.59 -15.82
N ILE A 222 -2.12 6.57 -16.81
CA ILE A 222 -1.48 5.34 -17.22
C ILE A 222 -0.66 4.68 -16.09
N LEU A 223 -0.87 3.37 -15.96
CA LEU A 223 -0.30 2.54 -14.89
C LEU A 223 -0.65 3.05 -13.50
N GLY A 224 -1.74 3.82 -13.41
CA GLY A 224 -2.14 4.35 -12.12
C GLY A 224 -2.86 3.33 -11.28
N ASN A 225 -3.51 2.38 -11.90
CA ASN A 225 -4.17 1.34 -11.11
C ASN A 225 -3.21 0.61 -10.18
N GLU A 226 -2.06 0.30 -10.74
CA GLU A 226 -1.03 -0.39 -10.01
C GLU A 226 -0.48 0.43 -8.84
N ALA A 227 -0.25 1.71 -9.07
CA ALA A 227 0.46 2.54 -8.09
C ALA A 227 -0.43 3.27 -7.11
N TYR A 228 -1.68 3.59 -7.46
CA TYR A 228 -2.48 4.44 -6.58
C TYR A 228 -3.97 4.27 -6.80
N GLY A 229 -4.43 3.18 -7.43
CA GLY A 229 -5.85 3.15 -7.89
C GLY A 229 -6.92 2.60 -6.94
N ILE A 230 -6.56 2.01 -5.81
CA ILE A 230 -7.54 1.27 -5.01
C ILE A 230 -8.42 2.21 -4.17
N LYS A 231 -9.73 1.95 -4.18
CA LYS A 231 -10.72 2.58 -3.27
C LYS A 231 -11.26 1.47 -2.42
N THR A 232 -11.34 1.64 -1.10
CA THR A 232 -11.78 0.55 -0.24
C THR A 232 -12.34 1.03 1.08
N THR A 233 -13.00 0.15 1.80
CA THR A 233 -13.44 0.46 3.19
C THR A 233 -12.34 0.06 4.18
N SER A 234 -12.41 0.65 5.37
CA SER A 234 -11.49 0.20 6.39
C SER A 234 -11.71 -1.23 6.77
N SER A 235 -12.93 -1.71 6.71
CA SER A 235 -13.18 -3.11 7.03
C SER A 235 -12.52 -4.05 6.05
N ASP A 236 -12.61 -3.71 4.77
CA ASP A 236 -11.93 -4.56 3.80
C ASP A 236 -10.43 -4.56 3.99
N LEU A 237 -9.86 -3.37 4.25
CA LEU A 237 -8.43 -3.38 4.48
C LEU A 237 -8.04 -4.06 5.81
N LEU A 238 -8.91 -4.04 6.85
CA LEU A 238 -8.59 -4.83 8.01
C LEU A 238 -8.59 -6.34 7.67
N ARG A 239 -9.50 -6.76 6.79
CA ARG A 239 -9.46 -8.17 6.35
C ARG A 239 -8.12 -8.50 5.63
N TYR A 240 -7.65 -7.55 4.83
CA TYR A 240 -6.34 -7.71 4.17
C TYR A 240 -5.20 -7.83 5.18
N VAL A 241 -5.27 -7.00 6.22
CA VAL A 241 -4.25 -7.07 7.29
C VAL A 241 -4.32 -8.45 8.00
N GLN A 242 -5.52 -8.93 8.31
CA GLN A 242 -5.65 -10.25 8.90
C GLN A 242 -5.15 -11.36 7.98
N ALA A 243 -5.43 -11.27 6.70
CA ALA A 243 -4.95 -12.24 5.74
C ALA A 243 -3.41 -12.28 5.70
N ASN A 244 -2.80 -11.09 5.73
CA ASN A 244 -1.36 -10.99 5.79
C ASN A 244 -0.76 -11.58 7.05
N MET A 245 -1.54 -11.70 8.10
CA MET A 245 -1.09 -12.36 9.35
C MET A 245 -1.59 -13.82 9.47
N GLY A 246 -2.15 -14.39 8.41
CA GLY A 246 -2.58 -15.80 8.44
C GLY A 246 -3.79 -16.08 9.30
N GLN A 247 -4.58 -15.07 9.61
CA GLN A 247 -5.65 -15.27 10.60
C GLN A 247 -6.94 -15.79 9.99
N LEU A 248 -7.05 -15.79 8.66
CA LEU A 248 -8.28 -16.17 8.01
C LEU A 248 -8.15 -17.45 7.18
N LYS A 249 -9.23 -18.20 7.07
CA LYS A 249 -9.24 -19.38 6.21
C LYS A 249 -9.05 -19.05 4.70
N LEU A 250 -9.75 -18.04 4.20
CA LEU A 250 -9.70 -17.60 2.79
C LEU A 250 -10.38 -18.65 1.89
N ALA A 254 -4.41 -22.77 -1.39
CA ALA A 254 -3.35 -22.49 -0.41
C ALA A 254 -2.41 -21.47 -0.99
N LYS A 255 -2.48 -21.31 -2.31
CA LYS A 255 -1.51 -20.46 -2.96
C LYS A 255 -1.70 -18.99 -2.59
N MET A 256 -2.93 -18.56 -2.31
CA MET A 256 -3.15 -17.16 -1.93
C MET A 256 -2.46 -16.85 -0.61
N GLN A 257 -2.55 -17.70 0.41
CA GLN A 257 -1.88 -17.41 1.66
C GLN A 257 -0.37 -17.39 1.45
N GLN A 258 0.13 -18.33 0.66
CA GLN A 258 1.55 -18.36 0.38
C GLN A 258 1.98 -17.06 -0.29
N ALA A 259 1.18 -16.58 -1.22
CA ALA A 259 1.52 -15.35 -1.95
C ALA A 259 1.56 -14.16 -0.99
N LEU A 260 0.55 -14.05 -0.14
CA LEU A 260 0.54 -12.93 0.81
C LEU A 260 1.76 -12.92 1.73
N THR A 261 2.06 -14.06 2.31
CA THR A 261 3.18 -14.19 3.24
C THR A 261 4.49 -13.89 2.52
N ALA A 262 4.63 -14.35 1.28
CA ALA A 262 5.91 -14.18 0.58
C ALA A 262 6.16 -12.72 0.20
N THR A 263 5.14 -11.84 0.16
CA THR A 263 5.47 -10.43 -0.02
C THR A 263 6.23 -9.81 1.12
N HIS A 264 6.28 -10.47 2.27
CA HIS A 264 7.01 -9.92 3.44
C HIS A 264 8.48 -10.39 3.44
N THR A 265 8.93 -11.09 2.40
CA THR A 265 10.34 -11.43 2.29
C THR A 265 11.21 -10.18 2.21
N GLY A 266 12.30 -10.16 2.96
CA GLY A 266 13.16 -8.94 2.96
C GLY A 266 14.26 -9.08 1.97
N TYR A 267 14.31 -8.09 1.10
CA TYR A 267 15.27 -8.14 0.00
C TYR A 267 16.39 -7.11 0.03
N PHE A 268 16.16 -5.96 0.65
CA PHE A 268 17.21 -4.92 0.71
C PHE A 268 17.13 -4.26 2.03
N LYS A 269 18.24 -3.81 2.57
CA LYS A 269 18.25 -2.85 3.67
C LYS A 269 18.52 -1.47 3.14
N SER A 270 17.84 -0.48 3.66
CA SER A 270 18.13 0.89 3.25
C SER A 270 17.76 1.75 4.46
N GLY A 271 18.70 2.55 4.95
CA GLY A 271 18.40 3.36 6.14
C GLY A 271 17.94 2.48 7.28
N GLU A 272 16.80 2.88 7.88
CA GLU A 272 16.26 2.15 9.03
C GLU A 272 15.40 0.96 8.65
N ILE A 273 15.07 0.84 7.36
CA ILE A 273 14.07 -0.15 6.95
C ILE A 273 14.65 -1.34 6.21
N THR A 274 13.86 -2.40 6.19
CA THR A 274 14.05 -3.53 5.29
C THR A 274 12.97 -3.38 4.23
N GLN A 275 13.34 -3.39 2.96
CA GLN A 275 12.41 -3.34 1.82
C GLN A 275 12.04 -4.73 1.46
N ASP A 276 10.73 -5.00 1.57
CA ASP A 276 10.16 -6.29 1.17
C ASP A 276 9.61 -6.12 -0.26
N LEU A 277 8.64 -6.94 -0.70
CA LEU A 277 8.01 -6.69 -2.00
C LEU A 277 6.89 -5.67 -1.77
N MET A 278 7.24 -4.42 -2.06
CA MET A 278 6.49 -3.21 -1.73
C MET A 278 6.28 -2.90 -0.25
N TRP A 279 5.90 -3.86 0.57
CA TRP A 279 5.86 -3.58 2.01
C TRP A 279 7.24 -3.16 2.54
N GLU A 280 7.19 -2.38 3.62
CA GLU A 280 8.42 -1.99 4.30
C GLU A 280 8.35 -2.44 5.74
N GLN A 281 9.46 -2.81 6.33
CA GLN A 281 9.40 -3.30 7.70
C GLN A 281 10.54 -2.80 8.54
N LEU A 282 10.26 -2.66 9.82
CA LEU A 282 11.20 -2.18 10.85
C LEU A 282 11.27 -3.19 11.93
N PRO A 283 12.34 -3.16 12.72
CA PRO A 283 12.43 -4.09 13.86
C PRO A 283 11.36 -3.82 14.93
N TYR A 284 10.88 -4.89 15.56
CA TYR A 284 9.91 -4.82 16.65
C TYR A 284 10.58 -5.42 17.87
N PRO A 285 10.61 -4.73 19.02
CA PRO A 285 9.85 -3.52 19.38
C PRO A 285 10.39 -2.32 18.64
N VAL A 286 9.50 -1.38 18.39
CA VAL A 286 9.81 -0.36 17.43
C VAL A 286 10.18 0.91 18.17
N SER A 287 11.23 1.55 17.66
CA SER A 287 11.64 2.85 18.04
C SER A 287 10.79 3.88 17.26
N LEU A 288 10.06 4.74 17.96
CA LEU A 288 9.27 5.79 17.24
C LEU A 288 10.21 6.67 16.41
N PRO A 289 11.38 7.08 16.92
CA PRO A 289 12.24 7.88 16.01
C PRO A 289 12.63 7.17 14.71
N ASN A 290 12.95 5.87 14.81
CA ASN A 290 13.32 5.12 13.63
C ASN A 290 12.12 4.85 12.71
N LEU A 291 10.93 4.69 13.30
CA LEU A 291 9.70 4.56 12.51
C LEU A 291 9.43 5.83 11.71
N LEU A 292 9.68 6.98 12.32
CA LEU A 292 9.48 8.27 11.65
C LEU A 292 10.49 8.44 10.54
N THR A 293 11.76 8.15 10.81
CA THR A 293 12.80 8.19 9.77
C THR A 293 12.51 7.23 8.61
N GLY A 294 12.07 6.03 8.99
CA GLY A 294 11.77 5.01 7.99
C GLY A 294 10.57 5.39 7.12
N ASN A 295 9.70 6.26 7.59
CA ASN A 295 8.56 6.72 6.79
C ASN A 295 8.78 8.10 6.18
N ASP A 296 10.03 8.49 6.07
CA ASP A 296 10.41 9.70 5.34
C ASP A 296 11.42 9.39 4.23
N MET A 297 11.10 8.36 3.45
CA MET A 297 12.03 7.89 2.41
C MET A 297 11.44 7.87 1.02
N ALA A 298 10.35 8.58 0.78
CA ALA A 298 9.64 8.40 -0.48
C ALA A 298 10.23 9.30 -1.55
N MET A 299 10.97 10.37 -1.24
CA MET A 299 11.27 11.30 -2.31
C MET A 299 12.73 11.46 -2.54
N THR A 300 13.57 10.82 -1.75
CA THR A 300 15.02 10.92 -1.96
C THR A 300 15.64 9.54 -2.26
N LYS A 301 16.78 9.56 -2.92
CA LYS A 301 17.57 8.36 -3.18
C LYS A 301 18.34 7.96 -1.93
N SER A 302 18.38 6.66 -1.66
CA SER A 302 19.23 6.14 -0.55
C SER A 302 20.03 4.92 -1.06
N VAL A 303 21.12 4.57 -0.38
CA VAL A 303 21.88 3.37 -0.70
C VAL A 303 21.08 2.14 -0.33
N ALA A 304 21.07 1.11 -1.19
CA ALA A 304 20.35 -0.13 -0.90
C ALA A 304 21.37 -1.23 -0.84
N THR A 305 21.26 -2.08 0.16
CA THR A 305 22.18 -3.20 0.31
C THR A 305 21.38 -4.50 0.24
N PRO A 306 21.70 -5.40 -0.67
CA PRO A 306 20.95 -6.64 -0.81
C PRO A 306 21.04 -7.51 0.43
N ILE A 307 19.92 -8.23 0.68
CA ILE A 307 19.89 -9.29 1.69
C ILE A 307 19.86 -10.61 0.94
N VAL A 308 20.98 -11.36 0.95
CA VAL A 308 21.01 -12.59 0.16
C VAL A 308 21.77 -13.64 0.94
N PRO A 309 21.12 -14.78 1.20
CA PRO A 309 19.73 -15.12 0.87
C PRO A 309 18.73 -14.15 1.49
N PRO A 310 17.57 -13.99 0.83
CA PRO A 310 16.58 -13.04 1.35
C PRO A 310 16.13 -13.44 2.74
N LEU A 311 15.74 -12.43 3.50
CA LEU A 311 15.23 -12.69 4.87
C LEU A 311 13.83 -13.28 4.75
N PRO A 312 13.58 -14.47 5.32
CA PRO A 312 12.23 -15.02 5.24
C PRO A 312 11.26 -14.08 5.93
N PRO A 313 9.97 -14.13 5.52
CA PRO A 313 8.91 -13.45 6.26
C PRO A 313 9.04 -13.68 7.76
N GLN A 314 8.93 -12.59 8.53
CA GLN A 314 9.19 -12.65 9.97
C GLN A 314 7.95 -12.35 10.73
N GLU A 315 7.92 -12.82 11.98
CA GLU A 315 6.87 -12.39 12.94
C GLU A 315 7.26 -11.14 13.75
N ASN A 316 8.52 -11.09 14.18
CA ASN A 316 8.94 -10.06 15.12
C ASN A 316 9.38 -8.77 14.43
N VAL A 317 8.43 -8.21 13.68
CA VAL A 317 8.67 -6.97 12.89
C VAL A 317 7.41 -6.16 12.82
N TRP A 318 7.61 -4.88 12.52
CA TRP A 318 6.54 -3.92 12.31
C TRP A 318 6.49 -3.70 10.78
N ILE A 319 5.41 -4.14 10.12
CA ILE A 319 5.24 -4.08 8.62
C ILE A 319 4.29 -2.95 8.34
N ASN A 320 4.62 -2.06 7.42
CA ASN A 320 3.75 -0.88 7.17
C ASN A 320 3.83 -0.36 5.76
N LYS A 321 2.80 0.44 5.44
CA LYS A 321 2.77 1.16 4.16
C LYS A 321 1.93 2.41 4.33
N THR A 322 2.39 3.50 3.72
CA THR A 322 1.62 4.77 3.66
C THR A 322 0.99 4.96 2.30
N GLY A 323 -0.10 5.73 2.23
CA GLY A 323 -0.57 6.11 0.90
C GLY A 323 -1.21 7.46 0.98
N SER A 324 -1.14 8.22 -0.12
CA SER A 324 -1.81 9.54 -0.19
C SER A 324 -2.25 9.81 -1.59
N THR A 325 -3.31 10.60 -1.72
CA THR A 325 -3.67 11.23 -3.00
C THR A 325 -3.92 12.68 -2.72
N ASN A 326 -4.32 13.44 -3.74
CA ASN A 326 -4.61 14.85 -3.50
C ASN A 326 -5.60 15.14 -2.39
N GLY A 327 -6.52 14.23 -2.17
CA GLY A 327 -7.59 14.46 -1.20
C GLY A 327 -7.57 13.50 -0.02
N PHE A 328 -6.63 12.54 0.02
CA PHE A 328 -6.74 11.47 1.01
C PHE A 328 -5.40 11.10 1.65
N GLY A 329 -5.47 10.54 2.85
CA GLY A 329 -4.26 10.04 3.51
C GLY A 329 -4.57 8.76 4.24
N ALA A 330 -3.75 7.73 4.01
CA ALA A 330 -3.97 6.41 4.55
C ALA A 330 -2.68 5.85 5.16
N TYR A 331 -2.86 4.88 6.06
CA TYR A 331 -1.72 4.15 6.70
C TYR A 331 -2.14 2.80 7.16
N ILE A 332 -1.29 1.81 6.94
CA ILE A 332 -1.52 0.47 7.51
C ILE A 332 -0.27 0.07 8.24
N ALA A 333 -0.43 -0.55 9.42
CA ALA A 333 0.73 -1.16 10.13
C ALA A 333 0.26 -2.41 10.82
N PHE A 334 1.11 -3.40 10.87
CA PHE A 334 0.76 -4.58 11.67
C PHE A 334 2.01 -5.26 12.15
N VAL A 335 1.88 -6.07 13.20
CA VAL A 335 2.97 -6.77 13.87
C VAL A 335 2.52 -8.23 13.95
N PRO A 336 3.01 -9.09 13.05
CA PRO A 336 2.51 -10.47 13.05
C PRO A 336 2.70 -11.19 14.39
N ALA A 337 3.78 -10.95 15.10
CA ALA A 337 4.04 -11.70 16.34
C ALA A 337 3.01 -11.41 17.35
N LYS A 338 2.33 -10.28 17.23
CA LYS A 338 1.37 -9.87 18.27
C LYS A 338 -0.05 -9.97 17.72
N LYS A 339 -0.17 -10.40 16.46
CA LYS A 339 -1.43 -10.51 15.71
C LYS A 339 -2.25 -9.25 15.89
N MET A 340 -1.57 -8.12 15.68
CA MET A 340 -2.27 -6.84 15.87
C MET A 340 -1.99 -5.98 14.65
N GLY A 341 -2.95 -5.13 14.31
CA GLY A 341 -2.78 -4.24 13.16
C GLY A 341 -3.77 -3.11 13.21
N ILE A 342 -3.50 -2.14 12.37
CA ILE A 342 -4.28 -0.93 12.29
C ILE A 342 -4.34 -0.42 10.89
N VAL A 343 -5.53 0.09 10.55
CA VAL A 343 -5.78 0.78 9.31
C VAL A 343 -6.33 2.18 9.65
N MET A 344 -5.74 3.25 9.11
CA MET A 344 -6.24 4.62 9.33
C MET A 344 -6.51 5.24 7.98
N LEU A 345 -7.75 5.62 7.71
CA LEU A 345 -8.13 6.21 6.43
C LEU A 345 -8.71 7.59 6.70
N ALA A 346 -8.37 8.55 5.87
CA ALA A 346 -8.82 9.95 6.04
C ALA A 346 -9.09 10.56 4.69
N ASN A 347 -10.06 11.48 4.61
CA ASN A 347 -10.33 12.20 3.36
C ASN A 347 -9.73 13.61 3.43
N LYS A 348 -8.46 13.68 3.93
CA LYS A 348 -7.58 14.81 3.76
C LYS A 348 -6.18 14.24 3.84
N ASN A 349 -5.25 14.74 3.05
CA ASN A 349 -3.88 14.29 3.08
C ASN A 349 -3.13 15.06 4.15
N TYR A 350 -2.91 14.47 5.30
CA TYR A 350 -2.22 15.15 6.42
C TYR A 350 -0.90 14.44 6.65
N SER A 351 0.02 15.07 7.36
CA SER A 351 1.39 14.58 7.31
C SER A 351 1.60 13.15 7.86
N ILE A 352 2.49 12.45 7.14
CA ILE A 352 2.76 11.06 7.49
C ILE A 352 3.32 10.89 8.89
N ASP A 353 4.08 11.88 9.39
CA ASP A 353 4.63 11.73 10.76
C ASP A 353 3.49 11.62 11.77
N GLN A 354 2.38 12.34 11.53
CA GLN A 354 1.24 12.22 12.42
C GLN A 354 0.52 10.90 12.33
N ARG A 355 0.43 10.34 11.12
CA ARG A 355 -0.24 9.05 10.94
C ARG A 355 0.53 8.02 11.72
N VAL A 356 1.84 8.03 11.52
CA VAL A 356 2.67 7.03 12.15
C VAL A 356 2.73 7.16 13.64
N THR A 357 2.77 8.37 14.17
CA THR A 357 2.80 8.54 15.62
C THR A 357 1.47 8.08 16.25
N VAL A 358 0.33 8.39 15.62
CA VAL A 358 -0.94 7.93 16.17
C VAL A 358 -1.04 6.44 16.12
N ALA A 359 -0.62 5.83 14.98
CA ALA A 359 -0.64 4.37 14.94
C ALA A 359 0.26 3.73 16.02
N TYR A 360 1.45 4.25 16.18
CA TYR A 360 2.39 3.74 17.20
C TYR A 360 1.75 3.81 18.59
N LYS A 361 1.08 4.92 18.89
CA LYS A 361 0.47 5.08 20.21
C LYS A 361 -0.69 4.10 20.39
N ILE A 362 -1.51 3.90 19.36
CA ILE A 362 -2.64 2.95 19.49
C ILE A 362 -2.13 1.52 19.64
N LEU A 363 -1.22 1.05 18.78
CA LEU A 363 -0.76 -0.36 18.89
C LEU A 363 0.03 -0.56 20.18
N SER A 364 0.78 0.44 20.63
CA SER A 364 1.50 0.30 21.91
C SER A 364 0.53 0.16 23.07
N SER A 365 -0.66 0.70 22.96
CA SER A 365 -1.64 0.60 24.05
C SER A 365 -2.26 -0.79 24.14
N LEU A 366 -2.13 -1.64 23.11
CA LEU A 366 -2.91 -2.88 22.99
C LEU A 366 -2.31 -4.10 23.70
N GLU A 367 -1.30 -3.92 24.56
CA GLU A 367 -0.94 -4.92 25.59
C GLU A 367 0.10 -4.44 26.61
S1 CEF B . 4.21 9.65 -4.00
C1 CEF B . 5.43 10.02 -2.88
C2 CEF B . 4.98 10.73 -1.57
C3 CEF B . 5.78 11.39 -0.66
C4 CEF B . 3.46 10.28 -1.17
C5 CEF B . 2.76 10.73 0.10
O1 CEF B . 2.85 11.93 0.53
O2 CEF B . 2.11 9.84 0.69
N1 CEF B . 2.67 9.32 -1.96
C6 CEF B . 3.27 8.63 -3.06
C7 CEF B . 2.06 8.01 -3.81
C8 CEF B . 1.56 7.03 -2.82
O3 CEF B . 0.63 7.27 -2.06
N2 CEF B . 1.05 8.98 -4.03
C9 CEF B . 1.03 9.63 -5.28
O4 CEF B . 1.85 9.30 -6.13
C10 CEF B . 0.03 10.72 -5.45
N3 CEF B . -0.93 10.72 -6.31
O5 CEF B . -1.09 9.72 -7.18
C11 CEF B . -2.39 9.92 -7.74
C12 CEF B . 0.17 11.83 -4.45
C13 CEF B . 1.02 11.91 -3.28
S2 CEF B . 0.74 13.30 -2.61
C14 CEF B . -0.38 13.97 -3.51
N4 CEF B . -0.96 15.24 -3.28
N5 CEF B . -0.71 13.11 -4.59
#